data_3LLU
#
_entry.id   3LLU
#
_cell.length_a   72.220
_cell.length_b   72.220
_cell.length_c   72.182
_cell.angle_alpha   90.000
_cell.angle_beta   90.000
_cell.angle_gamma   90.000
#
_symmetry.space_group_name_H-M   'I 4'
#
loop_
_entity.id
_entity.type
_entity.pdbx_description
1 polymer 'Ras-related GTP-binding protein C'
2 non-polymer 'PHOSPHOAMINOPHOSPHONIC ACID-GUANYLATE ESTER'
3 non-polymer 'MAGNESIUM ION'
4 non-polymer 'UNKNOWN ATOM OR ION'
5 water water
#
_entity_poly.entity_id   1
_entity_poly.type   'polypeptide(L)'
_entity_poly.pdbx_seq_one_letter_code
;MHHHHHHSSGRENLYFQGSKPRILLMGLRRSGKSSIQKVVFHKMSPNETLFLESTNKIYKDDISNSSFVNFQIWDFPGQM
DFFDPTFDYEMIFRGTGALIYVIDAQDDYMEALTRLHITVSKAYKVNPDMNFEVFIHKVDGLSDDHKIETQRDIHQRAND
DLADAGLEKLHLSFYLTSIYDHSIFEAFSKVVQKLI
;
_entity_poly.pdbx_strand_id   A
#
loop_
_chem_comp.id
_chem_comp.type
_chem_comp.name
_chem_comp.formula
GNP non-polymer 'PHOSPHOAMINOPHOSPHONIC ACID-GUANYLATE ESTER' 'C10 H17 N6 O13 P3'
MG non-polymer 'MAGNESIUM ION' 'Mg 2'
UNX non-polymer 'UNKNOWN ATOM OR ION' ?
#
# COMPACT_ATOMS: atom_id res chain seq x y z
N LYS A 20 14.70 -11.51 -5.65
CA LYS A 20 14.27 -10.22 -6.31
C LYS A 20 13.37 -9.41 -5.34
N PRO A 21 13.28 -8.07 -5.49
CA PRO A 21 12.55 -7.28 -4.48
C PRO A 21 11.10 -7.70 -4.38
N ARG A 22 10.57 -7.76 -3.16
CA ARG A 22 9.16 -8.03 -2.91
C ARG A 22 8.46 -6.78 -2.35
N ILE A 23 7.34 -6.42 -2.99
CA ILE A 23 6.53 -5.25 -2.62
C ILE A 23 5.16 -5.80 -2.28
N LEU A 24 4.63 -5.44 -1.13
CA LEU A 24 3.28 -5.81 -0.72
C LEU A 24 2.31 -4.67 -0.98
N LEU A 25 1.10 -5.05 -1.39
CA LEU A 25 -0.05 -4.14 -1.45
C LEU A 25 -1.03 -4.53 -0.39
N MET A 26 -1.19 -3.67 0.60
CA MET A 26 -2.10 -3.89 1.73
C MET A 26 -3.01 -2.65 1.88
N GLY A 27 -4.08 -2.79 2.64
CA GLY A 27 -5.09 -1.78 2.81
C GLY A 27 -6.43 -2.41 2.98
N LEU A 28 -7.40 -1.63 3.44
CA LEU A 28 -8.74 -2.15 3.71
C LEU A 28 -9.38 -2.65 2.41
N ARG A 29 -10.39 -3.48 2.53
CA ARG A 29 -11.15 -3.84 1.34
C ARG A 29 -11.66 -2.61 0.64
N ARG A 30 -11.63 -2.70 -0.69
CA ARG A 30 -12.12 -1.65 -1.58
C ARG A 30 -11.21 -0.42 -1.69
N SER A 31 -10.03 -0.47 -1.08
CA SER A 31 -9.13 0.67 -1.15
C SER A 31 -8.57 0.87 -2.54
N GLY A 32 -8.44 -0.22 -3.33
CA GLY A 32 -7.97 -0.15 -4.71
C GLY A 32 -6.73 -0.90 -5.06
N LYS A 33 -6.30 -1.81 -4.18
CA LYS A 33 -5.08 -2.59 -4.34
C LYS A 33 -5.03 -3.31 -5.67
N SER A 34 -6.05 -4.12 -5.94
CA SER A 34 -6.01 -4.96 -7.14
C SER A 34 -6.07 -4.11 -8.42
N SER A 35 -6.86 -3.03 -8.36
CA SER A 35 -6.95 -2.05 -9.45
C SER A 35 -5.59 -1.49 -9.79
N ILE A 36 -4.85 -1.14 -8.73
CA ILE A 36 -3.52 -0.58 -8.92
C ILE A 36 -2.62 -1.56 -9.67
N GLN A 37 -2.56 -2.80 -9.21
CA GLN A 37 -1.67 -3.75 -9.89
CA GLN A 37 -1.72 -3.79 -9.84
C GLN A 37 -2.14 -4.06 -11.30
N LYS A 38 -3.45 -4.12 -11.52
CA LYS A 38 -3.99 -4.42 -12.85
C LYS A 38 -3.73 -3.27 -13.85
N VAL A 39 -3.98 -2.04 -13.40
CA VAL A 39 -3.78 -0.87 -14.26
C VAL A 39 -2.29 -0.65 -14.54
N VAL A 40 -1.46 -0.72 -13.50
CA VAL A 40 -0.06 -0.41 -13.70
C VAL A 40 0.68 -1.50 -14.48
N PHE A 41 0.40 -2.78 -14.15
CA PHE A 41 1.21 -3.88 -14.66
C PHE A 41 0.54 -4.84 -15.60
N HIS A 42 -0.76 -4.72 -15.83
CA HIS A 42 -1.48 -5.66 -16.69
C HIS A 42 -2.38 -4.99 -17.70
N LYS A 43 -2.14 -3.71 -17.96
CA LYS A 43 -2.79 -3.00 -19.10
C LYS A 43 -4.30 -2.87 -18.97
N MET A 44 -4.84 -3.03 -17.76
CA MET A 44 -6.27 -2.89 -17.57
C MET A 44 -6.64 -1.42 -17.66
N SER A 45 -7.74 -1.17 -18.34
CA SER A 45 -8.30 0.17 -18.33
C SER A 45 -8.85 0.45 -16.94
N PRO A 46 -8.66 1.67 -16.45
CA PRO A 46 -9.24 1.96 -15.14
C PRO A 46 -10.76 1.71 -15.07
N ASN A 47 -11.48 1.99 -16.13
CA ASN A 47 -12.90 1.77 -16.16
C ASN A 47 -13.27 0.30 -15.88
N GLU A 48 -12.44 -0.63 -16.36
CA GLU A 48 -12.71 -2.06 -16.20
C GLU A 48 -12.56 -2.52 -14.75
N THR A 49 -11.77 -1.79 -13.97
CA THR A 49 -11.48 -2.22 -12.59
C THR A 49 -12.74 -2.24 -11.71
N LEU A 50 -13.79 -1.54 -12.14
CA LEU A 50 -15.05 -1.59 -11.42
C LEU A 50 -15.58 -3.02 -11.24
N PHE A 51 -15.19 -3.94 -12.14
CA PHE A 51 -15.71 -5.29 -12.15
C PHE A 51 -14.77 -6.30 -11.47
N LEU A 52 -13.71 -5.83 -10.84
CA LEU A 52 -12.80 -6.73 -10.12
C LEU A 52 -13.54 -7.39 -8.95
N GLU A 53 -13.32 -8.68 -8.79
CA GLU A 53 -13.77 -9.38 -7.60
C GLU A 53 -12.95 -9.00 -6.37
N SER A 54 -13.57 -9.04 -5.22
CA SER A 54 -12.85 -8.88 -3.96
C SER A 54 -11.85 -10.02 -3.82
N THR A 55 -10.66 -9.69 -3.36
CA THR A 55 -9.55 -10.64 -3.33
C THR A 55 -9.61 -11.53 -2.11
N ASN A 56 -9.54 -12.85 -2.30
CA ASN A 56 -9.66 -13.76 -1.16
C ASN A 56 -8.48 -14.63 -0.91
N LYS A 57 -7.46 -14.50 -1.74
CA LYS A 57 -6.19 -15.20 -1.53
C LYS A 57 -5.09 -14.24 -1.93
N ILE A 58 -3.93 -14.35 -1.31
CA ILE A 58 -2.79 -13.52 -1.69
C ILE A 58 -2.41 -13.92 -3.11
N TYR A 59 -2.28 -12.93 -3.96
CA TYR A 59 -1.86 -13.15 -5.33
C TYR A 59 -0.43 -12.63 -5.48
N LYS A 60 0.46 -13.54 -5.87
CA LYS A 60 1.86 -13.22 -6.03
C LYS A 60 2.11 -13.04 -7.51
N ASP A 61 2.35 -11.79 -7.88
CA ASP A 61 2.50 -11.36 -9.24
C ASP A 61 3.97 -11.14 -9.54
N ASP A 62 4.55 -11.99 -10.39
CA ASP A 62 5.95 -11.84 -10.74
C ASP A 62 6.06 -10.94 -11.95
N ILE A 63 6.64 -9.77 -11.74
CA ILE A 63 6.91 -8.87 -12.84
C ILE A 63 8.24 -9.39 -13.40
N SER A 64 8.12 -10.18 -14.47
CA SER A 64 9.25 -10.98 -15.00
C SER A 64 9.67 -10.62 -16.42
N ASN A 65 8.89 -9.79 -17.09
CA ASN A 65 9.18 -9.48 -18.49
C ASN A 65 10.64 -9.06 -18.62
N SER A 66 11.31 -9.56 -19.67
CA SER A 66 12.73 -9.35 -19.81
C SER A 66 13.11 -7.86 -20.02
N SER A 67 12.15 -7.00 -20.36
CA SER A 67 12.45 -5.57 -20.49
C SER A 67 12.20 -4.76 -19.24
N PHE A 68 11.54 -5.32 -18.23
CA PHE A 68 11.19 -4.53 -17.05
C PHE A 68 12.05 -4.88 -15.87
N VAL A 69 12.11 -3.97 -14.92
CA VAL A 69 12.71 -4.27 -13.62
C VAL A 69 11.97 -5.52 -13.09
N ASN A 70 12.72 -6.46 -12.52
CA ASN A 70 12.08 -7.67 -12.09
C ASN A 70 11.86 -7.62 -10.56
N PHE A 71 10.63 -7.84 -10.16
CA PHE A 71 10.24 -7.79 -8.75
C PHE A 71 8.94 -8.53 -8.61
N GLN A 72 8.54 -8.78 -7.38
CA GLN A 72 7.32 -9.51 -7.10
CA GLN A 72 7.31 -9.48 -7.10
C GLN A 72 6.39 -8.57 -6.33
N ILE A 73 5.12 -8.55 -6.72
CA ILE A 73 4.06 -7.79 -6.01
C ILE A 73 3.08 -8.77 -5.40
N TRP A 74 2.82 -8.64 -4.11
CA TRP A 74 1.85 -9.48 -3.44
C TRP A 74 0.61 -8.64 -3.20
N ASP A 75 -0.45 -8.97 -3.91
CA ASP A 75 -1.75 -8.30 -3.76
C ASP A 75 -2.53 -9.06 -2.68
N PHE A 76 -2.72 -8.42 -1.53
CA PHE A 76 -3.40 -9.05 -0.40
C PHE A 76 -4.92 -8.85 -0.44
N PRO A 77 -5.67 -9.81 0.10
CA PRO A 77 -7.03 -9.54 0.55
C PRO A 77 -7.01 -8.33 1.48
N GLY A 78 -8.02 -7.46 1.40
N GLY A 78 -8.04 -7.48 1.43
CA GLY A 78 -8.09 -6.34 2.29
CA GLY A 78 -8.13 -6.33 2.32
C GLY A 78 -8.19 -6.80 3.71
C GLY A 78 -8.48 -6.66 3.75
N GLN A 79 -7.57 -6.01 4.59
N GLN A 79 -8.92 -7.88 3.98
CA GLN A 79 -7.70 -6.17 6.02
CA GLN A 79 -9.08 -8.35 5.35
C GLN A 79 -7.33 -7.61 6.40
C GLN A 79 -7.89 -9.26 5.54
N MET A 80 -6.04 -7.93 6.22
N MET A 80 -6.82 -8.71 6.11
CA MET A 80 -5.58 -9.25 6.63
CA MET A 80 -5.72 -9.50 6.53
C MET A 80 -5.81 -9.46 8.13
C MET A 80 -5.79 -9.52 8.04
N ASP A 81 -6.11 -10.70 8.51
CA ASP A 81 -6.32 -10.99 9.87
C ASP A 81 -5.00 -11.39 10.46
N PHE A 82 -4.43 -10.53 11.30
CA PHE A 82 -3.15 -10.86 11.94
C PHE A 82 -3.26 -12.01 12.93
N PHE A 83 -4.50 -12.38 13.32
CA PHE A 83 -4.71 -13.50 14.24
C PHE A 83 -4.99 -14.83 13.53
N ASP A 84 -5.08 -14.84 12.21
CA ASP A 84 -5.26 -16.09 11.44
C ASP A 84 -3.95 -16.87 11.53
N PRO A 85 -3.96 -18.07 12.16
CA PRO A 85 -2.69 -18.83 12.28
C PRO A 85 -2.15 -19.42 10.96
N THR A 86 -2.87 -19.26 9.86
CA THR A 86 -2.37 -19.69 8.55
C THR A 86 -1.29 -18.76 8.00
N PHE A 87 -1.15 -17.59 8.63
CA PHE A 87 -0.33 -16.51 8.02
CA PHE A 87 -0.45 -16.42 8.07
C PHE A 87 0.81 -16.08 8.92
N ASP A 88 2.02 -16.42 8.45
CA ASP A 88 3.27 -16.08 9.18
C ASP A 88 3.72 -14.70 8.73
N TYR A 89 3.07 -13.68 9.24
CA TYR A 89 3.34 -12.32 8.82
CA TYR A 89 3.36 -12.32 8.76
C TYR A 89 4.81 -11.91 9.05
N GLU A 90 5.39 -12.36 10.16
CA GLU A 90 6.80 -12.02 10.47
CA GLU A 90 6.76 -12.00 10.45
C GLU A 90 7.72 -12.52 9.37
N MET A 91 7.53 -13.76 8.93
CA MET A 91 8.34 -14.32 7.85
C MET A 91 8.13 -13.54 6.55
N ILE A 92 6.89 -13.23 6.26
CA ILE A 92 6.56 -12.45 5.06
C ILE A 92 7.30 -11.11 5.13
N PHE A 93 7.21 -10.43 6.26
CA PHE A 93 7.82 -9.10 6.39
C PHE A 93 9.34 -9.14 6.33
N ARG A 94 9.94 -10.19 6.87
CA ARG A 94 11.40 -10.29 6.81
C ARG A 94 11.92 -10.36 5.40
N GLY A 95 11.12 -10.90 4.48
CA GLY A 95 11.47 -10.92 3.05
C GLY A 95 10.94 -9.79 2.18
N THR A 96 10.41 -8.75 2.80
CA THR A 96 9.75 -7.67 2.10
C THR A 96 10.63 -6.43 2.06
N GLY A 97 10.76 -5.85 0.85
CA GLY A 97 11.48 -4.61 0.66
C GLY A 97 10.63 -3.36 0.88
N ALA A 98 9.38 -3.38 0.44
CA ALA A 98 8.48 -2.22 0.60
C ALA A 98 7.08 -2.72 0.86
N LEU A 99 6.36 -1.97 1.69
CA LEU A 99 4.97 -2.23 1.97
C LEU A 99 4.21 -0.97 1.55
N ILE A 100 3.34 -1.13 0.54
CA ILE A 100 2.46 -0.04 0.09
C ILE A 100 1.13 -0.24 0.81
N TYR A 101 0.72 0.76 1.58
CA TYR A 101 -0.57 0.75 2.27
C TYR A 101 -1.46 1.73 1.56
N VAL A 102 -2.57 1.21 1.00
CA VAL A 102 -3.46 1.98 0.17
C VAL A 102 -4.65 2.44 1.00
N ILE A 103 -4.94 3.75 0.95
CA ILE A 103 -6.05 4.37 1.67
C ILE A 103 -7.02 5.00 0.67
N ASP A 104 -8.30 4.63 0.76
CA ASP A 104 -9.31 5.30 -0.07
C ASP A 104 -9.59 6.72 0.46
N ALA A 105 -9.07 7.73 -0.23
CA ALA A 105 -9.20 9.13 0.14
C ALA A 105 -10.61 9.67 0.07
N GLN A 106 -11.47 8.98 -0.66
CA GLN A 106 -12.87 9.40 -0.77
C GLN A 106 -13.75 8.91 0.36
N ASP A 107 -13.25 8.03 1.19
CA ASP A 107 -13.99 7.43 2.26
C ASP A 107 -13.46 7.94 3.60
N ASP A 108 -14.19 7.68 4.67
CA ASP A 108 -13.66 7.90 6.01
C ASP A 108 -12.42 7.05 6.17
N TYR A 109 -11.37 7.61 6.74
CA TYR A 109 -10.08 6.92 6.83
C TYR A 109 -9.61 6.71 8.25
N MET A 110 -10.50 6.81 9.24
CA MET A 110 -10.06 6.53 10.61
C MET A 110 -9.67 5.07 10.80
N GLU A 111 -10.47 4.12 10.28
CA GLU A 111 -10.09 2.72 10.39
C GLU A 111 -8.81 2.47 9.60
N ALA A 112 -8.71 3.07 8.41
CA ALA A 112 -7.49 2.90 7.61
C ALA A 112 -6.27 3.32 8.38
N LEU A 113 -6.35 4.45 9.07
CA LEU A 113 -5.24 4.93 9.90
C LEU A 113 -4.90 3.97 11.05
N THR A 114 -5.93 3.41 11.70
CA THR A 114 -5.69 2.41 12.76
C THR A 114 -4.96 1.20 12.20
N ARG A 115 -5.42 0.69 11.08
CA ARG A 115 -4.86 -0.51 10.49
C ARG A 115 -3.50 -0.25 9.91
N LEU A 116 -3.31 0.95 9.37
CA LEU A 116 -1.95 1.37 8.93
C LEU A 116 -0.95 1.26 10.08
N HIS A 117 -1.33 1.82 11.23
CA HIS A 117 -0.44 1.83 12.37
C HIS A 117 -0.08 0.41 12.80
N ILE A 118 -1.10 -0.44 12.91
CA ILE A 118 -0.89 -1.81 13.36
C ILE A 118 0.05 -2.53 12.39
N THR A 119 -0.22 -2.34 11.09
CA THR A 119 0.53 -3.01 10.06
C THR A 119 2.00 -2.57 10.05
N VAL A 120 2.26 -1.28 10.02
CA VAL A 120 3.65 -0.83 9.90
C VAL A 120 4.41 -1.08 11.17
N SER A 121 3.77 -1.00 12.34
CA SER A 121 4.49 -1.28 13.58
CA SER A 121 4.44 -1.31 13.60
C SER A 121 4.92 -2.75 13.63
N LYS A 122 4.05 -3.68 13.20
CA LYS A 122 4.40 -5.09 13.17
C LYS A 122 5.54 -5.35 12.16
N ALA A 123 5.46 -4.73 10.99
CA ALA A 123 6.48 -4.91 9.97
C ALA A 123 7.84 -4.35 10.40
N TYR A 124 7.85 -3.13 10.91
CA TYR A 124 9.07 -2.47 11.34
C TYR A 124 9.78 -3.25 12.44
N LYS A 125 9.01 -3.86 13.34
CA LYS A 125 9.61 -4.56 14.46
CA LYS A 125 9.59 -4.60 14.47
C LYS A 125 10.45 -5.75 14.00
N VAL A 126 10.05 -6.37 12.88
CA VAL A 126 10.85 -7.47 12.35
C VAL A 126 11.79 -7.11 11.22
N ASN A 127 11.51 -6.02 10.51
CA ASN A 127 12.36 -5.58 9.43
C ASN A 127 12.40 -4.06 9.36
N PRO A 128 13.26 -3.45 10.18
CA PRO A 128 13.31 -1.99 10.21
C PRO A 128 13.95 -1.38 8.96
N ASP A 129 14.47 -2.21 8.05
CA ASP A 129 14.96 -1.70 6.78
C ASP A 129 13.84 -1.56 5.72
N MET A 130 12.62 -2.04 6.02
CA MET A 130 11.51 -1.97 5.04
C MET A 130 11.17 -0.51 4.75
N ASN A 131 10.77 -0.26 3.50
CA ASN A 131 10.23 1.04 3.16
C ASN A 131 8.70 1.03 3.25
N PHE A 132 8.16 2.07 3.88
CA PHE A 132 6.73 2.20 4.11
C PHE A 132 6.19 3.31 3.23
N GLU A 133 5.23 2.95 2.38
CA GLU A 133 4.77 3.80 1.29
C GLU A 133 3.27 3.88 1.39
N VAL A 134 2.73 5.07 1.64
CA VAL A 134 1.30 5.23 1.87
C VAL A 134 0.69 5.89 0.64
N PHE A 135 -0.19 5.17 -0.07
CA PHE A 135 -0.85 5.73 -1.25
C PHE A 135 -2.21 6.23 -0.80
N ILE A 136 -2.34 7.56 -0.80
CA ILE A 136 -3.58 8.26 -0.53
C ILE A 136 -4.27 8.27 -1.88
N HIS A 137 -5.21 7.32 -2.03
CA HIS A 137 -5.65 6.85 -3.32
C HIS A 137 -7.08 7.28 -3.67
N LYS A 138 -7.41 7.19 -4.95
CA LYS A 138 -8.70 7.60 -5.50
C LYS A 138 -8.87 9.12 -5.45
N VAL A 139 -7.78 9.85 -5.65
CA VAL A 139 -7.82 11.30 -5.52
C VAL A 139 -8.48 12.01 -6.69
N ASP A 140 -8.80 11.27 -7.75
CA ASP A 140 -9.58 11.82 -8.86
C ASP A 140 -10.93 12.36 -8.37
N GLY A 141 -11.48 11.81 -7.31
CA GLY A 141 -12.69 12.39 -6.63
C GLY A 141 -12.57 13.59 -5.66
N LEU A 142 -11.37 14.16 -5.58
CA LEU A 142 -11.07 15.30 -4.72
C LEU A 142 -10.59 16.55 -5.47
N SER A 143 -10.92 17.74 -4.98
CA SER A 143 -10.29 18.96 -5.47
C SER A 143 -8.80 18.99 -5.10
N ASP A 144 -7.99 19.76 -5.83
CA ASP A 144 -6.55 19.80 -5.54
C ASP A 144 -6.25 20.28 -4.13
N ASP A 145 -6.94 21.31 -3.69
CA ASP A 145 -6.76 21.76 -2.31
C ASP A 145 -7.15 20.68 -1.28
N HIS A 146 -8.22 19.94 -1.55
CA HIS A 146 -8.65 18.92 -0.62
CA HIS A 146 -8.67 18.91 -0.61
C HIS A 146 -7.70 17.74 -0.62
N LYS A 147 -7.07 17.47 -1.76
CA LYS A 147 -6.00 16.46 -1.77
C LYS A 147 -4.87 16.82 -0.77
N ILE A 148 -4.44 18.08 -0.82
CA ILE A 148 -3.36 18.54 0.04
C ILE A 148 -3.78 18.46 1.52
N GLU A 149 -5.00 18.91 1.85
CA GLU A 149 -5.49 18.87 3.24
CA GLU A 149 -5.48 18.86 3.24
C GLU A 149 -5.64 17.42 3.71
N THR A 150 -6.09 16.55 2.82
CA THR A 150 -6.22 15.14 3.19
C THR A 150 -4.87 14.49 3.48
N GLN A 151 -3.90 14.76 2.62
CA GLN A 151 -2.53 14.25 2.86
C GLN A 151 -1.98 14.80 4.17
N ARG A 152 -2.18 16.08 4.42
CA ARG A 152 -1.65 16.68 5.64
C ARG A 152 -2.27 16.03 6.90
N ASP A 153 -3.57 15.81 6.86
CA ASP A 153 -4.26 15.22 8.01
C ASP A 153 -3.80 13.77 8.23
N ILE A 154 -3.71 13.00 7.15
CA ILE A 154 -3.25 11.64 7.25
C ILE A 154 -1.80 11.59 7.76
N HIS A 155 -0.95 12.43 7.16
CA HIS A 155 0.48 12.51 7.55
C HIS A 155 0.60 12.82 9.04
N GLN A 156 -0.10 13.83 9.51
CA GLN A 156 0.02 14.25 10.89
C GLN A 156 -0.54 13.19 11.85
N ARG A 157 -1.70 12.65 11.53
CA ARG A 157 -2.28 11.64 12.39
C ARG A 157 -1.43 10.38 12.47
N ALA A 158 -0.95 9.93 11.31
CA ALA A 158 -0.12 8.72 11.27
C ALA A 158 1.19 8.93 12.05
N ASN A 159 1.83 10.08 11.87
CA ASN A 159 3.08 10.38 12.58
C ASN A 159 2.86 10.53 14.08
N ASP A 160 1.76 11.16 14.47
CA ASP A 160 1.43 11.29 15.89
C ASP A 160 1.22 9.91 16.52
N ASP A 161 0.54 9.00 15.81
CA ASP A 161 0.37 7.64 16.33
C ASP A 161 1.74 6.94 16.49
N LEU A 162 2.61 7.11 15.50
CA LEU A 162 3.98 6.54 15.58
C LEU A 162 4.72 7.11 16.79
N ALA A 163 4.62 8.42 17.00
CA ALA A 163 5.32 9.07 18.09
C ALA A 163 4.86 8.52 19.43
N ASP A 164 3.54 8.37 19.56
CA ASP A 164 2.94 7.85 20.81
C ASP A 164 3.45 6.45 21.13
N ALA A 165 3.74 5.67 20.09
CA ALA A 165 4.20 4.28 20.26
C ALA A 165 5.74 4.16 20.35
N GLY A 166 6.44 5.30 20.38
CA GLY A 166 7.89 5.31 20.38
C GLY A 166 8.53 4.93 19.07
N LEU A 167 7.79 5.11 17.98
CA LEU A 167 8.24 4.71 16.66
C LEU A 167 8.51 5.90 15.74
N GLU A 168 9.02 6.99 16.32
CA GLU A 168 9.43 8.16 15.55
C GLU A 168 10.39 7.84 14.40
N LYS A 169 11.27 6.84 14.59
CA LYS A 169 12.26 6.49 13.58
C LYS A 169 11.68 5.70 12.38
N LEU A 170 10.43 5.27 12.49
CA LEU A 170 9.75 4.58 11.41
C LEU A 170 9.25 5.65 10.46
N HIS A 171 9.79 5.68 9.26
CA HIS A 171 9.46 6.74 8.30
C HIS A 171 8.35 6.30 7.35
N LEU A 172 7.31 7.14 7.20
CA LEU A 172 6.26 6.92 6.20
C LEU A 172 6.46 7.92 5.06
N SER A 173 6.38 7.44 3.82
CA SER A 173 6.33 8.33 2.64
C SER A 173 4.90 8.34 2.13
N PHE A 174 4.43 9.50 1.67
CA PHE A 174 3.03 9.69 1.25
C PHE A 174 2.96 10.10 -0.19
N TYR A 175 1.97 9.55 -0.87
CA TYR A 175 1.75 9.77 -2.30
C TYR A 175 0.27 9.99 -2.54
N LEU A 176 -0.08 10.89 -3.46
CA LEU A 176 -1.44 11.15 -3.87
C LEU A 176 -1.65 10.43 -5.20
N THR A 177 -2.54 9.44 -5.23
CA THR A 177 -2.62 8.57 -6.40
C THR A 177 -4.04 8.37 -6.92
N SER A 178 -4.12 8.04 -8.22
CA SER A 178 -5.36 7.66 -8.90
C SER A 178 -5.00 6.75 -10.05
N ILE A 179 -5.84 5.74 -10.26
CA ILE A 179 -5.70 4.92 -11.46
C ILE A 179 -6.13 5.61 -12.74
N TYR A 180 -6.74 6.80 -12.62
CA TYR A 180 -7.31 7.51 -13.78
C TYR A 180 -6.33 8.52 -14.38
N ASP A 181 -5.11 8.56 -13.83
CA ASP A 181 -4.08 9.43 -14.42
C ASP A 181 -2.69 8.87 -14.16
N HIS A 182 -1.67 9.63 -14.49
CA HIS A 182 -0.28 9.18 -14.40
CA HIS A 182 -0.29 9.14 -14.39
C HIS A 182 0.18 8.94 -12.97
N SER A 183 -0.52 9.51 -11.99
CA SER A 183 -0.02 9.51 -10.63
C SER A 183 0.24 8.12 -10.05
N ILE A 184 -0.60 7.12 -10.34
CA ILE A 184 -0.36 5.81 -9.76
C ILE A 184 0.92 5.19 -10.32
N PHE A 185 1.18 5.42 -11.59
CA PHE A 185 2.40 4.93 -12.24
C PHE A 185 3.62 5.59 -11.64
N GLU A 186 3.57 6.92 -11.50
CA GLU A 186 4.68 7.71 -10.91
CA GLU A 186 4.72 7.64 -10.93
C GLU A 186 4.99 7.23 -9.49
N ALA A 187 3.93 7.04 -8.72
CA ALA A 187 4.09 6.62 -7.32
C ALA A 187 4.73 5.21 -7.25
N PHE A 188 4.16 4.27 -7.99
CA PHE A 188 4.67 2.92 -7.95
C PHE A 188 6.10 2.88 -8.47
N SER A 189 6.43 3.70 -9.47
CA SER A 189 7.79 3.77 -9.96
C SER A 189 8.76 4.28 -8.85
N LYS A 190 8.33 5.28 -8.11
CA LYS A 190 9.19 5.78 -7.03
C LYS A 190 9.49 4.70 -6.00
N VAL A 191 8.48 3.93 -5.66
CA VAL A 191 8.63 2.82 -4.71
C VAL A 191 9.64 1.78 -5.25
N VAL A 192 9.52 1.43 -6.53
CA VAL A 192 10.42 0.43 -7.13
C VAL A 192 11.84 0.94 -7.18
N GLN A 193 12.01 2.19 -7.60
CA GLN A 193 13.36 2.75 -7.77
C GLN A 193 14.14 2.79 -6.45
N LYS A 194 13.44 2.94 -5.33
CA LYS A 194 14.10 2.98 -4.02
C LYS A 194 14.72 1.64 -3.67
N LEU A 195 14.26 0.57 -4.32
CA LEU A 195 14.66 -0.82 -3.99
C LEU A 195 15.73 -1.40 -4.89
N ILE A 196 16.12 -0.67 -5.91
CA ILE A 196 17.09 -1.20 -6.86
C ILE A 196 18.32 -0.29 -6.98
PG GNP B . -10.16 -6.17 -1.77
O1G GNP B . -9.21 -5.86 -0.64
O2G GNP B . -9.57 -7.15 -2.78
O3G GNP B . -11.54 -6.57 -1.32
N3B GNP B . -10.38 -4.73 -2.58
PB GNP B . -9.17 -3.89 -3.37
O1B GNP B . -8.38 -4.82 -4.19
O2B GNP B . -8.41 -3.00 -2.43
O3A GNP B . -9.99 -2.89 -4.34
PA GNP B . -10.32 -3.05 -5.88
O1A GNP B . -9.06 -2.88 -6.67
O2A GNP B . -11.13 -4.25 -6.06
O5' GNP B . -11.13 -1.73 -6.17
C5' GNP B . -12.32 -1.38 -5.48
C4' GNP B . -13.04 -0.28 -6.25
O4' GNP B . -12.26 0.97 -6.23
C3' GNP B . -13.33 -0.57 -7.72
O3' GNP B . -14.67 -0.21 -8.07
C2' GNP B . -12.32 0.29 -8.46
O2' GNP B . -12.70 0.66 -9.78
C1' GNP B . -12.22 1.47 -7.54
N9 GNP B . -11.00 2.22 -7.71
C8 GNP B . -9.72 1.71 -7.60
N7 GNP B . -8.83 2.66 -7.75
C5 GNP B . -9.53 3.85 -7.94
C6 GNP B . -9.12 5.19 -8.19
O6 GNP B . -7.96 5.65 -8.27
N1 GNP B . -10.23 6.04 -8.32
C2 GNP B . -11.54 5.67 -8.27
N2 GNP B . -12.43 6.67 -8.39
N3 GNP B . -11.93 4.44 -8.04
C4 GNP B . -10.89 3.57 -7.94
MG MG C . -8.29 -6.86 -4.35
UNK UNX D . 2.30 16.84 3.98
UNK UNX E . 8.58 13.46 7.58
UNK UNX F . -5.89 -3.14 6.28
UNK UNX G . -17.33 -8.28 -4.60
UNK UNX H . -8.06 -10.38 -6.87
UNK UNX I . -10.25 13.19 16.12
UNK UNX J . 6.22 11.99 1.74
UNK UNX K . -5.92 9.89 14.38
UNK UNX L . -11.16 -2.50 14.94
#